data_4QI4
#
_entry.id   4QI4
#
_cell.length_a   171.755
_cell.length_b   171.755
_cell.length_c   72.030
_cell.angle_alpha   90.00
_cell.angle_beta   90.00
_cell.angle_gamma   120.00
#
_symmetry.space_group_name_H-M   'P 63'
#
loop_
_entity.id
_entity.type
_entity.pdbx_description
1 polymer 'Cellobiose dehydrogenase'
2 branched 2-acetamido-2-deoxy-beta-D-glucopyranose-(1-4)-2-acetamido-2-deoxy-beta-D-glucopyranose
3 non-polymer 'FLAVIN-ADENINE DINUCLEOTIDE'
4 non-polymer 2-acetamido-2-deoxy-beta-D-glucopyranose
5 non-polymer 'CADMIUM ION'
#
_entity_poly.entity_id   1
_entity_poly.type   'polypeptide(L)'
_entity_poly.pdbx_seq_one_letter_code
;PVPTGVSFDYIVVGGGAGGIPAADKLSEAGKSVLLIEKGFASTANTGGTLGPEWLEGHDLTRFDVPGLCNQIWVDSKGIA
CEDTDQMAGCVLGGGTAVNAGLWFKPYSLDWDYLFPDGWKYNDVQPAINRALSRIPGTDAPSTDGKRYYQEGFEVLSKGL
AAGGWTSVTANNAPDKKNRTFAHAPFMFAGGERNGPLGTYFQTAKKRNNFDVWLNTSVKRVIREGGHITGVEVEPFRDGG
YEGIVPVTKVTGRVILSAGTFGSAKILLRSGIGPEDQLEVVAASEKDGPTMIGNSSWINLPVGYNLDDHLNTDTVISHPD
VVFYDFYEAWDDPIESDKNSYLESRTGILAQAAPNIGPMFWEEIVGADGIVRQLQWTARVEGSLGAPNGHTMTMSQYLGR
GATSRGRMTITPSLTTIVSDVPYLKDPNDKEAVIQGIINLQNALQNVANLTWLFPNSTITPREYVESMVVSPSNRRSNHW
MGTNKLGTDDGRKGGSAVVDLDTRVYGTDNLFVIDASIFPGVPTTNPTSYIVVAAEHASSRILALPDLEPVPKYGQCGGR
EWTGSFVCADGSTCEYQNEWYSQCL
;
_entity_poly.pdbx_strand_id   A
#
loop_
_chem_comp.id
_chem_comp.type
_chem_comp.name
_chem_comp.formula
CD non-polymer 'CADMIUM ION' 'Cd 2'
FAD non-polymer 'FLAVIN-ADENINE DINUCLEOTIDE' 'C27 H33 N9 O15 P2'
NAG D-saccharide, beta linking 2-acetamido-2-deoxy-beta-D-glucopyranose 'C8 H15 N O6'
#
# COMPACT_ATOMS: atom_id res chain seq x y z
N PRO A 1 -19.06 -22.53 0.70
CA PRO A 1 -20.41 -22.54 1.29
C PRO A 1 -21.13 -21.17 1.21
N VAL A 2 -21.44 -20.64 0.03
CA VAL A 2 -22.15 -19.33 -0.03
C VAL A 2 -23.67 -19.46 0.16
N PRO A 3 -24.20 -18.83 1.22
CA PRO A 3 -25.61 -18.80 1.63
C PRO A 3 -26.52 -18.36 0.49
N THR A 4 -27.58 -19.11 0.24
CA THR A 4 -28.34 -18.93 -0.99
C THR A 4 -29.14 -17.62 -0.99
N GLY A 5 -29.32 -17.04 0.19
CA GLY A 5 -30.26 -15.92 0.31
C GLY A 5 -29.80 -14.49 0.55
N VAL A 6 -28.52 -14.17 0.38
CA VAL A 6 -28.06 -12.87 0.84
C VAL A 6 -27.21 -12.06 -0.17
N SER A 7 -27.26 -10.74 -0.02
CA SER A 7 -26.64 -9.77 -0.93
C SER A 7 -26.16 -8.53 -0.17
N PHE A 8 -25.32 -7.71 -0.81
CA PHE A 8 -24.79 -6.52 -0.12
C PHE A 8 -24.77 -5.25 -0.94
N ASP A 9 -24.98 -4.12 -0.27
CA ASP A 9 -24.88 -2.80 -0.88
C ASP A 9 -23.47 -2.55 -1.42
N TYR A 10 -22.49 -3.00 -0.64
CA TYR A 10 -21.08 -2.91 -1.00
C TYR A 10 -20.33 -4.19 -0.67
N ILE A 11 -19.57 -4.70 -1.63
CA ILE A 11 -18.60 -5.74 -1.31
C ILE A 11 -17.18 -5.19 -1.47
N VAL A 12 -16.40 -5.22 -0.39
CA VAL A 12 -15.03 -4.75 -0.41
C VAL A 12 -14.08 -5.93 -0.44
N VAL A 13 -13.28 -6.03 -1.50
CA VAL A 13 -12.33 -7.13 -1.64
C VAL A 13 -10.94 -6.78 -1.12
N GLY A 14 -10.51 -7.48 -0.09
CA GLY A 14 -9.22 -7.24 0.53
C GLY A 14 -9.25 -6.28 1.73
N GLY A 15 -8.50 -6.67 2.75
CA GLY A 15 -8.52 -6.06 4.05
C GLY A 15 -7.32 -5.22 4.40
N GLY A 16 -6.68 -4.60 3.41
CA GLY A 16 -5.44 -3.89 3.64
C GLY A 16 -5.54 -2.42 4.05
N ALA A 17 -4.54 -1.65 3.66
CA ALA A 17 -4.48 -0.22 3.91
C ALA A 17 -5.67 0.53 3.32
N GLY A 18 -6.06 0.18 2.10
CA GLY A 18 -7.23 0.79 1.49
C GLY A 18 -8.55 0.19 1.91
N GLY A 19 -8.60 -1.14 1.96
CA GLY A 19 -9.86 -1.84 2.21
C GLY A 19 -10.52 -1.70 3.56
N ILE A 20 -9.75 -1.86 4.64
CA ILE A 20 -10.35 -1.75 5.96
C ILE A 20 -10.98 -0.37 6.21
N PRO A 21 -10.24 0.73 5.92
CA PRO A 21 -10.92 2.02 6.14
C PRO A 21 -12.13 2.22 5.23
N ALA A 22 -12.04 1.74 3.99
CA ALA A 22 -13.18 1.84 3.09
C ALA A 22 -14.40 1.15 3.68
N ALA A 23 -14.19 -0.07 4.17
CA ALA A 23 -15.30 -0.88 4.64
C ALA A 23 -15.91 -0.27 5.89
N ASP A 24 -15.05 0.33 6.71
CA ASP A 24 -15.53 1.05 7.88
C ASP A 24 -16.41 2.22 7.49
N LYS A 25 -15.93 3.06 6.57
CA LYS A 25 -16.63 4.29 6.24
C LYS A 25 -17.96 4.06 5.55
N LEU A 26 -18.03 2.98 4.76
CA LEU A 26 -19.24 2.57 4.06
C LEU A 26 -20.26 1.94 4.98
N SER A 27 -19.80 1.22 5.99
CA SER A 27 -20.72 0.62 6.95
C SER A 27 -21.21 1.66 7.95
N GLU A 28 -20.36 2.63 8.25
CA GLU A 28 -20.73 3.75 9.11
C GLU A 28 -21.93 4.49 8.52
N ALA A 29 -22.12 4.37 7.21
CA ALA A 29 -23.22 5.05 6.54
C ALA A 29 -24.46 4.17 6.53
N GLY A 30 -24.38 3.01 7.17
CA GLY A 30 -25.51 2.12 7.27
C GLY A 30 -25.81 1.26 6.04
N LYS A 31 -24.88 1.17 5.10
CA LYS A 31 -25.05 0.28 3.98
C LYS A 31 -24.67 -1.14 4.39
N SER A 32 -25.31 -2.13 3.79
CA SER A 32 -24.87 -3.49 4.02
C SER A 32 -23.53 -3.71 3.32
N VAL A 33 -22.52 -4.07 4.10
CA VAL A 33 -21.14 -4.18 3.62
C VAL A 33 -20.51 -5.51 3.96
N LEU A 34 -19.91 -6.14 2.97
CA LEU A 34 -19.18 -7.40 3.20
C LEU A 34 -17.71 -7.27 2.83
N LEU A 35 -16.84 -7.50 3.80
CA LEU A 35 -15.40 -7.50 3.57
C LEU A 35 -14.88 -8.91 3.32
N ILE A 36 -14.38 -9.16 2.13
CA ILE A 36 -13.87 -10.49 1.80
C ILE A 36 -12.35 -10.49 1.82
N GLU A 37 -11.78 -11.29 2.73
CA GLU A 37 -10.32 -11.36 2.94
C GLU A 37 -9.70 -12.75 2.73
N LYS A 38 -8.67 -12.77 1.89
CA LYS A 38 -7.84 -13.92 1.60
C LYS A 38 -7.29 -14.63 2.83
N GLY A 39 -6.75 -13.84 3.77
CA GLY A 39 -6.01 -14.35 4.92
C GLY A 39 -6.81 -14.45 6.21
N PHE A 40 -6.11 -14.76 7.30
CA PHE A 40 -6.77 -15.03 8.58
C PHE A 40 -6.65 -13.89 9.57
N ALA A 41 -7.28 -14.05 10.74
CA ALA A 41 -7.16 -13.03 11.77
C ALA A 41 -5.69 -12.84 12.17
N SER A 42 -5.27 -11.60 12.42
CA SER A 42 -3.86 -11.30 12.60
C SER A 42 -3.52 -10.80 14.00
N THR A 43 -3.88 -9.55 14.28
CA THR A 43 -3.68 -8.97 15.60
C THR A 43 -4.69 -9.49 16.61
N ALA A 44 -4.34 -9.37 17.88
CA ALA A 44 -5.18 -9.82 18.99
C ALA A 44 -6.57 -9.19 18.94
N ASN A 45 -6.65 -7.90 18.62
CA ASN A 45 -7.95 -7.26 18.55
C ASN A 45 -8.86 -7.79 17.43
N THR A 46 -8.26 -8.50 16.46
CA THR A 46 -9.03 -9.22 15.42
C THR A 46 -9.20 -10.71 15.69
N GLY A 47 -8.68 -11.18 16.80
CA GLY A 47 -8.78 -12.60 17.12
C GLY A 47 -7.63 -13.40 16.53
N GLY A 48 -6.53 -12.75 16.22
CA GLY A 48 -5.35 -13.48 15.77
C GLY A 48 -4.79 -14.26 16.93
N THR A 49 -4.51 -15.54 16.74
CA THR A 49 -3.90 -16.35 17.79
C THR A 49 -2.41 -16.61 17.62
N LEU A 50 -1.83 -16.18 16.51
CA LEU A 50 -0.51 -16.65 16.11
C LEU A 50 0.64 -15.82 16.71
N GLY A 51 1.73 -16.49 17.07
CA GLY A 51 2.89 -15.81 17.63
C GLY A 51 3.78 -16.69 18.50
N PRO A 52 4.95 -16.15 18.90
CA PRO A 52 5.98 -16.85 19.68
C PRO A 52 5.47 -17.21 21.08
N GLU A 53 6.19 -18.08 21.77
CA GLU A 53 5.65 -18.63 23.01
C GLU A 53 5.70 -17.69 24.20
N TRP A 54 6.61 -16.72 24.19
CA TRP A 54 6.64 -15.78 25.31
C TRP A 54 5.43 -14.84 25.28
N LEU A 55 4.61 -14.95 24.25
CA LEU A 55 3.40 -14.14 24.18
C LEU A 55 2.13 -14.85 24.63
N GLU A 56 2.22 -16.10 25.08
CA GLU A 56 1.01 -16.85 25.43
C GLU A 56 0.14 -16.22 26.53
N GLY A 57 -1.16 -16.19 26.27
CA GLY A 57 -2.15 -15.85 27.27
C GLY A 57 -2.18 -14.41 27.75
N HIS A 58 -1.27 -13.58 27.26
CA HIS A 58 -1.33 -12.15 27.55
C HIS A 58 -1.99 -11.36 26.40
N ASP A 59 -2.70 -12.05 25.51
CA ASP A 59 -3.61 -11.38 24.57
C ASP A 59 -2.85 -10.53 23.52
N LEU A 60 -1.75 -11.09 23.00
CA LEU A 60 -0.91 -10.45 21.99
C LEU A 60 -0.45 -11.44 20.94
N THR A 61 -0.27 -10.96 19.70
CA THR A 61 0.17 -11.81 18.60
C THR A 61 1.46 -11.29 18.02
N ARG A 62 2.02 -11.99 17.06
CA ARG A 62 3.28 -11.57 16.43
C ARG A 62 3.09 -10.25 15.71
N PHE A 63 1.84 -9.94 15.39
CA PHE A 63 1.51 -8.71 14.69
C PHE A 63 1.18 -7.55 15.63
N ASP A 64 1.04 -7.80 16.92
CA ASP A 64 0.78 -6.70 17.84
C ASP A 64 2.07 -6.01 18.27
N VAL A 65 3.17 -6.75 18.26
CA VAL A 65 4.40 -6.28 18.89
C VAL A 65 5.40 -5.68 17.93
N PRO A 66 5.58 -4.36 17.97
CA PRO A 66 6.48 -3.67 17.02
C PRO A 66 7.89 -4.23 16.97
N GLY A 67 8.39 -4.81 18.07
CA GLY A 67 9.76 -5.31 18.09
C GLY A 67 9.93 -6.58 17.26
N LEU A 68 8.80 -7.23 16.99
CA LEU A 68 8.78 -8.43 16.18
C LEU A 68 8.50 -8.14 14.70
N CYS A 69 8.48 -6.84 14.36
CA CYS A 69 8.30 -6.31 13.01
C CYS A 69 9.15 -7.05 11.96
N ASN A 70 10.39 -7.38 12.30
CA ASN A 70 11.33 -7.88 11.32
C ASN A 70 11.34 -9.40 11.22
N GLN A 71 10.45 -10.09 11.93
CA GLN A 71 10.35 -11.54 11.79
C GLN A 71 9.89 -11.95 10.41
N ILE A 72 9.05 -11.12 9.78
CA ILE A 72 8.51 -11.43 8.46
C ILE A 72 9.66 -11.69 7.47
N TRP A 73 10.79 -11.06 7.72
CA TRP A 73 11.98 -11.21 6.91
C TRP A 73 12.65 -12.54 6.95
N VAL A 74 12.76 -13.13 8.13
CA VAL A 74 13.22 -14.52 8.29
C VAL A 74 12.13 -15.61 8.26
N ASP A 75 10.92 -15.30 8.74
CA ASP A 75 9.83 -16.25 8.67
C ASP A 75 8.54 -15.57 8.18
N SER A 76 8.24 -15.76 6.89
CA SER A 76 7.04 -15.19 6.28
C SER A 76 5.89 -16.15 5.93
N LYS A 77 6.07 -17.46 6.10
CA LYS A 77 5.24 -18.35 5.28
C LYS A 77 3.86 -18.70 5.82
N GLY A 78 2.90 -18.67 4.89
CA GLY A 78 1.48 -18.71 5.21
C GLY A 78 1.00 -17.31 5.59
N ILE A 79 1.93 -16.35 5.54
CA ILE A 79 1.66 -14.94 5.85
C ILE A 79 1.82 -14.07 4.59
N ALA A 80 3.02 -14.11 4.00
CA ALA A 80 3.27 -13.42 2.73
C ALA A 80 2.45 -14.03 1.60
N CYS A 81 2.28 -13.25 0.54
CA CYS A 81 1.45 -13.67 -0.59
C CYS A 81 2.28 -14.57 -1.50
N GLU A 82 1.66 -15.63 -2.01
CA GLU A 82 2.37 -16.52 -2.92
C GLU A 82 2.12 -16.24 -4.41
N ASP A 83 1.11 -15.44 -4.75
CA ASP A 83 0.81 -15.24 -6.17
C ASP A 83 1.47 -14.01 -6.78
N THR A 84 2.39 -13.38 -6.04
CA THR A 84 3.20 -12.30 -6.62
C THR A 84 4.68 -12.64 -6.54
N ASP A 85 5.49 -11.92 -7.29
CA ASP A 85 6.95 -12.07 -7.26
C ASP A 85 7.60 -11.08 -6.29
N GLN A 86 6.79 -10.33 -5.55
CA GLN A 86 7.34 -9.38 -4.58
C GLN A 86 6.76 -9.64 -3.19
N MET A 87 7.12 -8.81 -2.22
CA MET A 87 6.68 -9.04 -0.84
C MET A 87 5.36 -8.29 -0.55
N ALA A 88 4.35 -9.02 -0.06
CA ALA A 88 3.06 -8.45 0.34
C ALA A 88 2.39 -9.25 1.45
N GLY A 89 1.73 -8.55 2.38
CA GLY A 89 0.91 -9.22 3.37
C GLY A 89 -0.40 -9.82 2.87
N CYS A 90 -0.53 -11.14 3.00
CA CYS A 90 -1.78 -11.87 2.81
C CYS A 90 -2.57 -12.25 4.05
N VAL A 91 -2.22 -11.74 5.22
CA VAL A 91 -3.15 -11.83 6.35
C VAL A 91 -4.04 -10.59 6.46
N LEU A 92 -4.96 -10.59 7.42
CA LEU A 92 -5.92 -9.50 7.60
C LEU A 92 -5.23 -8.23 8.05
N GLY A 93 -5.51 -7.13 7.36
CA GLY A 93 -4.82 -5.88 7.63
C GLY A 93 -3.80 -5.64 6.55
N GLY A 94 -3.59 -6.67 5.73
CA GLY A 94 -2.64 -6.64 4.63
C GLY A 94 -1.27 -6.15 5.02
N GLY A 95 -0.74 -5.25 4.19
CA GLY A 95 0.53 -4.62 4.48
C GLY A 95 0.61 -3.98 5.86
N THR A 96 -0.50 -3.40 6.34
CA THR A 96 -0.47 -2.71 7.61
C THR A 96 -0.35 -3.70 8.77
N ALA A 97 -0.55 -4.99 8.48
CA ALA A 97 -0.35 -6.03 9.47
C ALA A 97 1.12 -6.43 9.61
N VAL A 98 1.84 -6.48 8.49
CA VAL A 98 3.26 -6.81 8.49
C VAL A 98 4.35 -5.73 8.33
N ASN A 99 4.01 -4.45 8.13
CA ASN A 99 5.07 -3.48 7.86
C ASN A 99 5.63 -2.85 9.13
N ALA A 100 6.57 -1.90 8.97
CA ALA A 100 7.24 -1.27 10.12
C ALA A 100 6.37 -0.26 10.87
N GLY A 101 5.23 0.09 10.27
CA GLY A 101 4.28 0.96 10.95
C GLY A 101 4.50 2.46 10.80
N LEU A 102 5.51 2.87 10.05
CA LEU A 102 5.76 4.28 9.76
C LEU A 102 4.48 4.94 9.26
N TRP A 103 4.17 6.11 9.80
CA TRP A 103 2.88 6.78 9.57
C TRP A 103 3.04 8.30 9.47
N PHE A 104 2.55 8.90 8.39
CA PHE A 104 2.86 10.32 8.13
C PHE A 104 1.65 11.20 7.75
N LYS A 105 1.52 12.34 8.42
CA LYS A 105 0.61 13.36 7.91
C LYS A 105 1.15 13.73 6.53
N PRO A 106 0.32 13.60 5.48
CA PRO A 106 0.79 13.78 4.10
C PRO A 106 1.34 15.18 3.82
N TYR A 107 2.06 15.29 2.72
CA TYR A 107 2.70 16.51 2.31
C TYR A 107 1.86 17.12 1.20
N SER A 108 1.29 18.30 1.45
CA SER A 108 0.29 18.88 0.55
C SER A 108 0.75 18.90 -0.88
N LEU A 109 2.04 19.07 -1.11
CA LEU A 109 2.57 19.11 -2.47
C LEU A 109 2.29 17.81 -3.22
N ASP A 110 2.43 16.69 -2.51
CA ASP A 110 2.26 15.37 -3.10
C ASP A 110 0.93 15.22 -3.80
N TRP A 111 -0.14 15.68 -3.15
CA TRP A 111 -1.45 15.63 -3.77
C TRP A 111 -1.61 16.67 -4.89
N ASP A 112 -0.99 17.83 -4.73
CA ASP A 112 -1.11 18.88 -5.72
C ASP A 112 -0.40 18.44 -6.99
N TYR A 113 0.74 17.77 -6.82
CA TYR A 113 1.56 17.34 -7.95
C TYR A 113 1.13 16.02 -8.62
N LEU A 114 0.75 15.03 -7.81
CA LEU A 114 0.44 13.71 -8.36
C LEU A 114 -0.97 13.55 -8.95
N PHE A 115 -1.96 14.28 -8.44
CA PHE A 115 -3.37 13.97 -8.74
C PHE A 115 -4.08 15.08 -9.50
N PRO A 116 -5.06 14.69 -10.33
CA PRO A 116 -5.88 15.67 -11.06
C PRO A 116 -6.78 16.45 -10.09
N ASP A 117 -7.49 17.45 -10.62
CA ASP A 117 -8.37 18.23 -9.78
C ASP A 117 -9.45 17.30 -9.23
N GLY A 118 -9.80 17.49 -7.96
CA GLY A 118 -10.76 16.67 -7.26
C GLY A 118 -10.05 15.76 -6.29
N TRP A 119 -8.80 15.47 -6.59
CA TRP A 119 -7.87 14.85 -5.65
C TRP A 119 -6.71 15.75 -5.14
N LYS A 120 -6.71 17.04 -5.43
CA LYS A 120 -5.53 17.81 -5.01
C LYS A 120 -5.66 18.13 -3.53
N TYR A 121 -4.66 18.80 -2.98
CA TYR A 121 -4.61 19.02 -1.54
C TYR A 121 -5.87 19.69 -0.96
N ASN A 122 -6.41 20.72 -1.62
CA ASN A 122 -7.63 21.35 -1.09
C ASN A 122 -8.82 20.41 -1.15
N ASP A 123 -8.79 19.46 -2.09
CA ASP A 123 -9.87 18.49 -2.18
C ASP A 123 -9.81 17.44 -1.08
N VAL A 124 -8.62 16.96 -0.73
CA VAL A 124 -8.53 15.81 0.20
C VAL A 124 -8.25 16.19 1.65
N GLN A 125 -8.13 17.49 1.92
CA GLN A 125 -7.81 17.93 3.28
C GLN A 125 -8.82 17.43 4.31
N PRO A 126 -10.13 17.42 3.99
CA PRO A 126 -11.03 16.77 4.98
C PRO A 126 -10.68 15.30 5.25
N ALA A 127 -10.24 14.55 4.23
CA ALA A 127 -9.93 13.13 4.44
C ALA A 127 -8.67 12.99 5.26
N ILE A 128 -7.72 13.89 5.06
CA ILE A 128 -6.52 13.91 5.89
C ILE A 128 -6.87 14.12 7.37
N ASN A 129 -7.70 15.12 7.64
CA ASN A 129 -8.11 15.40 9.01
C ASN A 129 -8.86 14.23 9.63
N ARG A 130 -9.68 13.53 8.84
CA ARG A 130 -10.37 12.34 9.38
C ARG A 130 -9.38 11.21 9.71
N ALA A 131 -8.59 10.80 8.72
CA ALA A 131 -7.62 9.73 8.91
C ALA A 131 -6.73 10.00 10.12
N LEU A 132 -6.15 11.20 10.18
CA LEU A 132 -5.23 11.51 11.29
C LEU A 132 -5.92 11.81 12.61
N SER A 133 -7.23 11.98 12.62
CA SER A 133 -7.96 11.98 13.87
C SER A 133 -7.97 10.54 14.44
N ARG A 134 -8.28 9.58 13.59
CA ARG A 134 -8.33 8.19 14.00
C ARG A 134 -6.96 7.61 14.31
N ILE A 135 -5.95 8.04 13.56
CA ILE A 135 -4.60 7.54 13.72
C ILE A 135 -3.59 8.70 13.74
N PRO A 136 -3.53 9.42 14.87
CA PRO A 136 -2.43 10.37 15.07
C PRO A 136 -1.14 9.57 15.20
N GLY A 137 -0.01 10.17 14.86
CA GLY A 137 1.22 9.43 15.04
C GLY A 137 1.58 9.18 16.50
N THR A 138 2.72 8.53 16.67
CA THR A 138 3.58 8.86 17.78
C THR A 138 5.00 8.63 17.27
N ASP A 139 5.92 9.53 17.62
CA ASP A 139 7.32 9.25 17.34
C ASP A 139 8.01 8.69 18.59
N ALA A 140 7.23 8.44 19.64
CA ALA A 140 7.70 7.76 20.84
C ALA A 140 6.69 6.69 21.31
N PRO A 141 6.59 5.57 20.57
CA PRO A 141 5.51 4.59 20.75
C PRO A 141 5.48 3.88 22.10
N SER A 142 6.60 3.93 22.83
CA SER A 142 6.63 3.39 24.18
C SER A 142 5.74 4.22 25.12
N THR A 143 4.81 3.60 25.85
CA THR A 143 3.74 4.37 26.52
C THR A 143 4.19 5.29 27.67
N ASP A 144 5.47 5.22 28.04
CA ASP A 144 6.00 6.12 29.06
C ASP A 144 6.55 7.40 28.45
N GLY A 145 6.61 7.44 27.12
CA GLY A 145 6.95 8.66 26.42
C GLY A 145 8.41 8.88 26.09
N LYS A 146 9.30 8.02 26.55
CA LYS A 146 10.69 8.21 26.17
C LYS A 146 11.11 7.05 25.29
N ARG A 147 12.11 7.34 24.46
CA ARG A 147 12.59 6.54 23.39
C ARG A 147 13.87 5.83 23.80
N TYR A 148 14.10 4.64 23.28
CA TYR A 148 15.22 3.81 23.72
C TYR A 148 16.29 3.57 22.64
N TYR A 149 17.51 3.27 23.09
CA TYR A 149 18.70 3.01 22.28
C TYR A 149 18.87 4.05 21.16
N GLN A 150 18.81 5.30 21.59
CA GLN A 150 18.81 6.47 20.73
C GLN A 150 20.21 6.95 20.36
N GLU A 151 21.22 6.22 20.80
CA GLU A 151 22.60 6.64 20.63
C GLU A 151 22.97 6.81 19.16
N GLY A 152 22.48 5.90 18.32
CA GLY A 152 22.69 6.01 16.89
C GLY A 152 22.03 7.27 16.36
N PHE A 153 20.76 7.43 16.72
CA PHE A 153 19.98 8.61 16.33
C PHE A 153 20.72 9.91 16.65
N GLU A 154 21.17 10.02 17.90
CA GLU A 154 21.76 11.26 18.38
C GLU A 154 23.07 11.58 17.67
N VAL A 155 23.81 10.53 17.34
CA VAL A 155 25.01 10.69 16.54
C VAL A 155 24.70 11.36 15.22
N LEU A 156 23.65 10.88 14.55
CA LEU A 156 23.27 11.37 13.22
C LEU A 156 22.52 12.68 13.28
N SER A 157 21.60 12.80 14.23
CA SER A 157 20.78 14.00 14.33
C SER A 157 21.61 15.22 14.73
N LYS A 158 22.59 15.03 15.61
CA LYS A 158 23.52 16.12 15.89
C LYS A 158 24.45 16.33 14.70
N GLY A 159 24.74 15.26 13.96
CA GLY A 159 25.55 15.39 12.76
C GLY A 159 24.87 16.29 11.75
N LEU A 160 23.58 16.04 11.52
CA LEU A 160 22.80 16.76 10.51
C LEU A 160 22.55 18.21 10.90
N ALA A 161 22.13 18.44 12.14
CA ALA A 161 21.89 19.79 12.65
C ALA A 161 23.12 20.64 12.43
N ALA A 162 24.29 20.06 12.70
CA ALA A 162 25.57 20.71 12.45
C ALA A 162 25.76 20.98 10.96
N GLY A 163 25.15 20.15 10.13
CA GLY A 163 25.27 20.30 8.68
C GLY A 163 24.27 21.27 8.09
N GLY A 164 23.47 21.90 8.95
CA GLY A 164 22.50 22.88 8.50
C GLY A 164 21.10 22.34 8.28
N TRP A 165 20.80 21.19 8.87
CA TRP A 165 19.46 20.62 8.73
C TRP A 165 18.65 20.87 10.00
N THR A 166 17.36 21.09 9.82
CA THR A 166 16.45 21.51 10.87
C THR A 166 15.66 20.38 11.54
N SER A 167 15.66 20.33 12.86
CA SER A 167 14.82 19.38 13.57
C SER A 167 13.34 19.79 13.45
N VAL A 168 12.49 18.81 13.15
CA VAL A 168 11.04 18.99 13.24
C VAL A 168 10.42 17.77 13.89
N THR A 169 9.19 17.93 14.37
CA THR A 169 8.32 16.83 14.67
C THR A 169 7.57 16.64 13.36
N ALA A 170 7.84 15.55 12.64
CA ALA A 170 7.43 15.43 11.24
C ALA A 170 5.96 15.74 11.04
N ASN A 171 5.11 15.16 11.88
CA ASN A 171 3.68 15.26 11.63
C ASN A 171 3.03 16.54 12.17
N ASN A 172 3.78 17.31 12.95
CA ASN A 172 3.38 18.66 13.33
C ASN A 172 3.73 19.64 12.20
N ALA A 173 4.78 19.32 11.45
CA ALA A 173 5.12 20.12 10.27
C ALA A 173 5.19 19.26 9.03
N PRO A 174 4.03 18.71 8.60
CA PRO A 174 4.00 17.81 7.46
C PRO A 174 4.61 18.42 6.20
N ASP A 175 4.42 19.73 6.00
CA ASP A 175 4.85 20.36 4.77
C ASP A 175 6.34 20.72 4.72
N LYS A 176 7.08 20.53 5.81
CA LYS A 176 8.48 20.89 5.68
C LYS A 176 9.30 19.64 5.44
N LYS A 177 9.47 19.35 4.15
CA LYS A 177 10.23 18.21 3.64
C LYS A 177 11.57 18.50 2.94
N ASN A 178 12.05 19.73 2.98
CA ASN A 178 13.38 20.04 2.43
C ASN A 178 14.36 20.38 3.56
N ARG A 179 15.48 19.64 3.61
CA ARG A 179 16.57 19.85 4.58
C ARG A 179 16.09 19.73 6.01
N THR A 180 15.47 18.60 6.32
CA THR A 180 14.77 18.41 7.58
C THR A 180 15.04 17.01 8.13
N PHE A 181 15.04 16.86 9.44
CA PHE A 181 15.11 15.55 10.05
C PHE A 181 14.19 15.45 11.26
N ALA A 182 13.77 14.23 11.56
CA ALA A 182 12.81 14.00 12.62
C ALA A 182 12.96 12.62 13.22
N HIS A 183 12.49 12.49 14.45
CA HIS A 183 12.14 11.21 15.01
C HIS A 183 11.11 10.55 14.09
N ALA A 184 11.24 9.25 13.87
CA ALA A 184 10.31 8.49 13.07
C ALA A 184 8.93 8.33 13.73
N PRO A 185 7.86 8.77 13.05
CA PRO A 185 6.48 8.58 13.50
C PRO A 185 5.91 7.20 13.17
N PHE A 186 5.00 6.70 13.99
CA PHE A 186 4.44 5.36 13.81
C PHE A 186 2.95 5.39 14.10
N MET A 187 2.25 4.37 13.65
CA MET A 187 0.81 4.31 13.76
C MET A 187 0.38 3.69 15.09
N PHE A 188 1.37 3.42 15.95
CA PHE A 188 1.14 2.64 17.16
C PHE A 188 0.30 3.39 18.20
N ALA A 189 -0.42 2.60 18.99
CA ALA A 189 -1.18 3.11 20.11
C ALA A 189 -1.08 2.12 21.24
N GLY A 190 -0.92 2.62 22.47
CA GLY A 190 -0.81 1.77 23.62
C GLY A 190 0.36 0.80 23.51
N GLY A 191 1.39 1.20 22.76
CA GLY A 191 2.56 0.38 22.60
C GLY A 191 2.30 -0.85 21.75
N GLU A 192 1.10 -0.93 21.16
CA GLU A 192 0.68 -2.04 20.33
C GLU A 192 0.61 -1.54 18.88
N ARG A 193 0.66 -2.44 17.91
CA ARG A 193 0.74 -2.05 16.49
C ARG A 193 -0.28 -0.99 16.09
N ASN A 194 -1.53 -1.20 16.53
CA ASN A 194 -2.64 -0.30 16.22
C ASN A 194 -2.90 -0.21 14.71
N GLY A 195 -2.75 0.97 14.12
CA GLY A 195 -3.07 1.17 12.71
C GLY A 195 -4.55 1.02 12.40
N PRO A 196 -4.89 0.87 11.12
CA PRO A 196 -6.28 0.57 10.67
C PRO A 196 -6.87 -0.71 11.29
N LEU A 197 -6.02 -1.71 11.61
CA LEU A 197 -6.51 -2.89 12.34
C LEU A 197 -7.04 -2.49 13.70
N GLY A 198 -6.38 -1.49 14.29
CA GLY A 198 -6.71 -1.06 15.63
C GLY A 198 -7.86 -0.07 15.69
N THR A 199 -8.03 0.71 14.63
CA THR A 199 -9.00 1.79 14.66
C THR A 199 -10.21 1.56 13.74
N TYR A 200 -9.99 1.61 12.42
CA TYR A 200 -11.10 1.49 11.46
C TYR A 200 -11.85 0.17 11.58
N PHE A 201 -11.12 -0.93 11.76
CA PHE A 201 -11.75 -2.26 11.79
C PHE A 201 -12.61 -2.47 13.02
N GLN A 202 -12.13 -1.95 14.15
CA GLN A 202 -12.79 -2.13 15.44
C GLN A 202 -14.17 -1.45 15.51
N THR A 203 -14.28 -0.23 14.98
CA THR A 203 -15.59 0.41 14.91
C THR A 203 -16.52 -0.29 13.92
N ALA A 204 -15.94 -0.98 12.95
CA ALA A 204 -16.76 -1.62 11.93
C ALA A 204 -17.34 -2.95 12.37
N LYS A 205 -16.60 -3.70 13.20
CA LYS A 205 -17.07 -5.02 13.58
C LYS A 205 -18.15 -4.93 14.66
N LYS A 206 -18.29 -3.78 15.31
CA LYS A 206 -19.44 -3.53 16.20
C LYS A 206 -20.79 -3.41 15.46
N ARG A 207 -20.77 -3.37 14.12
CA ARG A 207 -21.98 -3.08 13.36
C ARG A 207 -22.71 -4.31 12.81
N ASN A 208 -24.03 -4.25 12.85
CA ASN A 208 -24.87 -5.35 12.39
C ASN A 208 -24.79 -5.49 10.88
N ASN A 209 -24.60 -4.36 10.21
CA ASN A 209 -24.63 -4.30 8.75
C ASN A 209 -23.26 -4.58 8.16
N PHE A 210 -22.32 -4.98 9.00
CA PHE A 210 -20.97 -5.32 8.58
C PHE A 210 -20.70 -6.81 8.67
N ASP A 211 -20.00 -7.35 7.67
CA ASP A 211 -19.59 -8.75 7.68
C ASP A 211 -18.17 -8.94 7.12
N VAL A 212 -17.39 -9.80 7.78
CA VAL A 212 -16.07 -10.21 7.32
C VAL A 212 -16.07 -11.69 6.95
N TRP A 213 -15.54 -12.03 5.77
CA TRP A 213 -15.26 -13.42 5.44
C TRP A 213 -13.76 -13.68 5.28
N LEU A 214 -13.15 -14.38 6.24
CA LEU A 214 -11.72 -14.63 6.16
C LEU A 214 -11.41 -15.89 5.36
N ASN A 215 -10.12 -16.14 5.17
CA ASN A 215 -9.64 -17.29 4.42
C ASN A 215 -10.32 -17.44 3.08
N THR A 216 -10.75 -16.33 2.48
CA THR A 216 -11.50 -16.38 1.22
C THR A 216 -10.89 -15.52 0.13
N SER A 217 -10.55 -16.15 -0.98
CA SER A 217 -9.96 -15.45 -2.11
C SER A 217 -11.04 -15.11 -3.13
N VAL A 218 -10.99 -13.91 -3.71
CA VAL A 218 -11.87 -13.54 -4.81
C VAL A 218 -11.17 -13.85 -6.15
N LYS A 219 -11.77 -14.72 -6.96
CA LYS A 219 -11.18 -15.15 -8.22
C LYS A 219 -11.33 -14.02 -9.25
N ARG A 220 -12.54 -13.49 -9.35
CA ARG A 220 -12.85 -12.44 -10.31
C ARG A 220 -14.21 -11.83 -9.97
N VAL A 221 -14.64 -10.82 -10.73
CA VAL A 221 -16.01 -10.30 -10.60
C VAL A 221 -16.92 -10.94 -11.66
N ILE A 222 -18.17 -11.15 -11.29
CA ILE A 222 -19.19 -11.64 -12.21
C ILE A 222 -19.96 -10.46 -12.78
N ARG A 223 -19.85 -10.27 -14.09
CA ARG A 223 -20.49 -9.13 -14.71
C ARG A 223 -21.23 -9.49 -16.00
N GLU A 224 -22.43 -8.94 -16.18
CA GLU A 224 -23.12 -8.95 -17.46
C GLU A 224 -22.78 -7.64 -18.13
N GLY A 225 -21.96 -7.69 -19.18
CA GLY A 225 -21.50 -6.48 -19.82
C GLY A 225 -20.76 -5.60 -18.83
N GLY A 226 -21.19 -4.34 -18.73
CA GLY A 226 -20.52 -3.37 -17.89
C GLY A 226 -21.01 -3.30 -16.45
N HIS A 227 -21.91 -4.20 -16.07
CA HIS A 227 -22.51 -4.15 -14.74
C HIS A 227 -22.14 -5.38 -13.91
N ILE A 228 -21.58 -5.14 -12.72
CA ILE A 228 -21.05 -6.23 -11.93
C ILE A 228 -22.09 -6.75 -10.95
N THR A 229 -22.54 -7.98 -11.21
CA THR A 229 -23.61 -8.57 -10.43
C THR A 229 -23.12 -9.27 -9.18
N GLY A 230 -21.85 -9.66 -9.16
CA GLY A 230 -21.28 -10.36 -8.02
C GLY A 230 -19.80 -10.68 -8.09
N VAL A 231 -19.27 -11.28 -7.03
CA VAL A 231 -17.87 -11.72 -7.05
C VAL A 231 -17.80 -13.22 -6.80
N GLU A 232 -16.85 -13.88 -7.45
CA GLU A 232 -16.72 -15.32 -7.34
C GLU A 232 -15.55 -15.67 -6.41
N VAL A 233 -15.82 -16.56 -5.47
CA VAL A 233 -14.87 -16.89 -4.41
C VAL A 233 -14.50 -18.38 -4.30
N GLU A 234 -13.21 -18.65 -4.09
CA GLU A 234 -12.74 -19.99 -3.73
C GLU A 234 -11.98 -19.87 -2.42
N PRO A 235 -12.04 -20.89 -1.54
CA PRO A 235 -11.35 -20.76 -0.25
C PRO A 235 -9.82 -20.76 -0.40
N PHE A 236 -9.19 -19.80 0.26
CA PHE A 236 -7.74 -19.77 0.35
C PHE A 236 -7.26 -20.70 1.48
N ARG A 237 -8.05 -20.79 2.54
CA ARG A 237 -7.90 -21.80 3.58
C ARG A 237 -9.26 -22.41 3.94
N ASP A 238 -9.26 -23.66 4.41
CA ASP A 238 -10.49 -24.35 4.79
C ASP A 238 -11.27 -23.48 5.79
N GLY A 239 -12.58 -23.34 5.55
CA GLY A 239 -13.40 -22.40 6.31
C GLY A 239 -13.68 -21.12 5.54
N GLY A 240 -13.11 -21.02 4.35
CA GLY A 240 -13.39 -19.91 3.46
C GLY A 240 -14.54 -20.31 2.59
N TYR A 241 -15.13 -19.36 1.88
CA TYR A 241 -16.32 -19.63 1.10
C TYR A 241 -16.02 -19.96 -0.35
N GLU A 242 -16.80 -20.89 -0.88
CA GLU A 242 -16.82 -21.17 -2.30
C GLU A 242 -18.16 -20.69 -2.83
N GLY A 243 -18.16 -20.04 -3.99
CA GLY A 243 -19.43 -19.67 -4.60
C GLY A 243 -19.41 -18.43 -5.46
N ILE A 244 -20.58 -17.81 -5.55
CA ILE A 244 -20.73 -16.51 -6.17
C ILE A 244 -21.64 -15.65 -5.30
N VAL A 245 -21.11 -14.53 -4.83
CA VAL A 245 -21.82 -13.63 -3.93
C VAL A 245 -22.39 -12.43 -4.69
N PRO A 246 -23.71 -12.25 -4.62
CA PRO A 246 -24.37 -11.13 -5.29
C PRO A 246 -24.30 -9.80 -4.53
N VAL A 247 -24.51 -8.73 -5.27
CA VAL A 247 -24.65 -7.40 -4.69
C VAL A 247 -26.09 -6.97 -4.87
N THR A 248 -26.54 -6.04 -4.04
CA THR A 248 -27.91 -5.56 -4.11
C THR A 248 -28.29 -5.26 -5.56
N LYS A 249 -29.50 -5.58 -5.96
CA LYS A 249 -29.80 -5.50 -7.36
C LYS A 249 -29.67 -4.09 -7.83
N VAL A 250 -28.96 -3.91 -8.93
CA VAL A 250 -28.85 -2.62 -9.55
C VAL A 250 -28.02 -1.68 -8.73
N THR A 251 -28.44 -1.48 -7.49
CA THR A 251 -27.77 -0.58 -6.59
C THR A 251 -26.36 -0.97 -6.22
N GLY A 252 -26.16 -2.26 -6.04
CA GLY A 252 -24.93 -2.83 -5.52
C GLY A 252 -23.65 -2.39 -6.20
N ARG A 253 -22.61 -2.20 -5.39
CA ARG A 253 -21.30 -1.84 -5.91
C ARG A 253 -20.26 -2.77 -5.34
N VAL A 254 -19.19 -2.98 -6.11
CA VAL A 254 -18.05 -3.74 -5.63
C VAL A 254 -16.81 -2.85 -5.62
N ILE A 255 -16.05 -2.95 -4.53
CA ILE A 255 -14.83 -2.19 -4.35
C ILE A 255 -13.61 -3.13 -4.29
N LEU A 256 -12.68 -2.97 -5.22
CA LEU A 256 -11.47 -3.78 -5.24
C LEU A 256 -10.42 -3.05 -4.43
N SER A 257 -10.13 -3.62 -3.26
CA SER A 257 -9.04 -3.23 -2.38
C SER A 257 -7.86 -4.21 -2.28
N ALA A 258 -7.77 -5.19 -3.17
CA ALA A 258 -6.79 -6.29 -3.06
C ALA A 258 -5.30 -5.91 -3.19
N GLY A 259 -4.99 -4.66 -3.50
CA GLY A 259 -3.60 -4.24 -3.62
C GLY A 259 -3.12 -3.94 -5.03
N THR A 260 -1.94 -3.33 -5.11
CA THR A 260 -1.34 -2.97 -6.38
C THR A 260 -1.24 -4.17 -7.34
N PHE A 261 -0.76 -5.30 -6.85
CA PHE A 261 -0.80 -6.54 -7.64
C PHE A 261 -2.13 -7.33 -7.50
N GLY A 262 -2.75 -7.28 -6.35
CA GLY A 262 -3.99 -7.99 -6.11
C GLY A 262 -5.18 -7.56 -6.97
N SER A 263 -5.43 -6.26 -7.04
CA SER A 263 -6.61 -5.75 -7.72
C SER A 263 -6.43 -5.88 -9.23
N ALA A 264 -5.21 -5.61 -9.69
CA ALA A 264 -4.82 -5.83 -11.06
C ALA A 264 -5.10 -7.25 -11.51
N LYS A 265 -4.77 -8.24 -10.66
CA LYS A 265 -4.99 -9.62 -11.01
C LYS A 265 -6.48 -9.88 -11.20
N ILE A 266 -7.27 -9.43 -10.23
CA ILE A 266 -8.73 -9.61 -10.28
C ILE A 266 -9.32 -8.97 -11.53
N LEU A 267 -8.75 -7.84 -11.94
CA LEU A 267 -9.23 -7.14 -13.13
C LEU A 267 -9.00 -7.94 -14.39
N LEU A 268 -7.76 -8.39 -14.58
CA LEU A 268 -7.39 -9.20 -15.74
C LEU A 268 -8.30 -10.42 -15.85
N ARG A 269 -8.48 -11.07 -14.71
CA ARG A 269 -9.33 -12.24 -14.62
C ARG A 269 -10.81 -11.96 -14.85
N SER A 270 -11.16 -10.68 -14.79
CA SER A 270 -12.51 -10.26 -15.01
C SER A 270 -12.66 -9.79 -16.46
N GLY A 271 -11.59 -9.91 -17.23
CA GLY A 271 -11.66 -9.55 -18.63
C GLY A 271 -11.46 -8.07 -18.81
N ILE A 272 -10.79 -7.48 -17.84
CA ILE A 272 -10.47 -6.06 -17.85
C ILE A 272 -8.94 -5.86 -17.80
N GLY A 273 -8.38 -5.35 -18.89
CA GLY A 273 -6.96 -5.13 -18.98
C GLY A 273 -6.46 -5.03 -20.42
N PRO A 274 -5.14 -5.06 -20.62
CA PRO A 274 -4.58 -4.96 -21.97
C PRO A 274 -4.84 -6.20 -22.81
N GLU A 275 -4.89 -6.04 -24.13
CA GLU A 275 -5.20 -7.17 -25.00
C GLU A 275 -4.25 -8.34 -24.78
N ASP A 276 -2.94 -8.07 -24.68
CA ASP A 276 -2.02 -9.19 -24.53
C ASP A 276 -2.25 -9.90 -23.19
N GLN A 277 -2.26 -9.16 -22.09
CA GLN A 277 -2.48 -9.76 -20.77
C GLN A 277 -3.80 -10.51 -20.66
N LEU A 278 -4.85 -9.94 -21.25
CA LEU A 278 -6.16 -10.57 -21.19
C LEU A 278 -6.05 -11.91 -21.93
N GLU A 279 -5.26 -11.90 -22.99
CA GLU A 279 -5.06 -13.07 -23.82
C GLU A 279 -4.40 -14.20 -23.01
N VAL A 280 -3.52 -13.84 -22.08
CA VAL A 280 -2.84 -14.83 -21.25
C VAL A 280 -3.82 -15.57 -20.33
N VAL A 281 -4.73 -14.83 -19.71
CA VAL A 281 -5.77 -15.48 -18.93
C VAL A 281 -6.62 -16.40 -19.80
N ALA A 282 -6.87 -15.99 -21.04
CA ALA A 282 -7.75 -16.77 -21.92
C ALA A 282 -7.13 -18.13 -22.26
N ALA A 283 -5.80 -18.16 -22.38
CA ALA A 283 -5.11 -19.42 -22.62
C ALA A 283 -4.71 -20.13 -21.32
N SER A 284 -5.01 -19.52 -20.17
CA SER A 284 -4.65 -20.12 -18.90
C SER A 284 -5.35 -21.45 -18.65
N GLU A 285 -4.63 -22.38 -18.03
CA GLU A 285 -5.22 -23.61 -17.52
C GLU A 285 -6.28 -23.38 -16.44
N LYS A 286 -5.98 -22.53 -15.44
CA LYS A 286 -6.94 -22.31 -14.35
C LYS A 286 -8.24 -21.64 -14.79
N ASP A 287 -8.12 -20.47 -15.42
CA ASP A 287 -9.33 -19.75 -15.79
C ASP A 287 -9.78 -19.80 -17.23
N GLY A 288 -8.96 -20.39 -18.10
CA GLY A 288 -9.23 -20.36 -19.53
C GLY A 288 -10.62 -20.81 -19.93
N PRO A 289 -11.04 -22.01 -19.47
CA PRO A 289 -12.38 -22.54 -19.73
C PRO A 289 -13.53 -21.63 -19.34
N THR A 290 -13.52 -21.10 -18.13
CA THR A 290 -14.66 -20.35 -17.62
C THR A 290 -14.57 -18.80 -17.72
N MET A 291 -13.50 -18.27 -18.32
CA MET A 291 -13.31 -16.82 -18.44
C MET A 291 -14.39 -16.17 -19.32
N ILE A 292 -14.65 -14.89 -19.08
CA ILE A 292 -15.69 -14.16 -19.78
C ILE A 292 -15.29 -13.99 -21.23
N GLY A 293 -16.26 -14.09 -22.14
CA GLY A 293 -15.97 -14.07 -23.56
C GLY A 293 -15.36 -12.76 -24.01
N ASN A 294 -14.50 -12.80 -25.02
CA ASN A 294 -13.74 -11.62 -25.42
C ASN A 294 -14.60 -10.48 -25.99
N SER A 295 -15.85 -10.78 -26.33
CA SER A 295 -16.75 -9.71 -26.77
C SER A 295 -17.06 -8.74 -25.61
N SER A 296 -17.09 -9.26 -24.39
CA SER A 296 -17.28 -8.44 -23.17
C SER A 296 -15.99 -7.89 -22.52
N TRP A 297 -14.84 -8.07 -23.17
CA TRP A 297 -13.60 -7.54 -22.61
C TRP A 297 -13.53 -6.03 -22.69
N ILE A 298 -12.82 -5.44 -21.74
CA ILE A 298 -12.59 -4.02 -21.68
C ILE A 298 -11.11 -3.78 -21.71
N ASN A 299 -10.62 -2.98 -22.63
CA ASN A 299 -9.18 -2.75 -22.67
C ASN A 299 -8.78 -1.48 -21.92
N LEU A 300 -7.99 -1.68 -20.88
CA LEU A 300 -7.51 -0.60 -20.04
C LEU A 300 -6.07 -0.91 -19.67
N PRO A 301 -5.27 0.11 -19.37
CA PRO A 301 -3.85 -0.16 -19.14
C PRO A 301 -3.55 -0.70 -17.73
N VAL A 302 -4.27 -1.74 -17.32
CA VAL A 302 -3.97 -2.42 -16.07
C VAL A 302 -2.57 -3.00 -16.07
N GLY A 303 -1.80 -2.69 -15.02
CA GLY A 303 -0.42 -3.12 -14.89
C GLY A 303 0.59 -2.07 -15.36
N TYR A 304 0.18 -1.12 -16.19
CA TYR A 304 1.11 -0.07 -16.62
C TYR A 304 1.28 0.90 -15.49
N ASN A 305 2.14 1.90 -15.67
CA ASN A 305 2.40 2.89 -14.61
C ASN A 305 2.84 2.28 -13.28
N LEU A 306 3.49 1.12 -13.33
CA LEU A 306 4.01 0.52 -12.11
C LEU A 306 5.03 1.44 -11.48
N ASP A 307 4.84 1.80 -10.22
CA ASP A 307 5.78 2.68 -9.57
C ASP A 307 6.14 2.22 -8.16
N ASP A 308 7.31 2.68 -7.70
CA ASP A 308 7.84 2.34 -6.37
C ASP A 308 8.89 3.39 -6.01
N HIS A 309 9.18 3.56 -4.72
CA HIS A 309 10.34 4.35 -4.35
C HIS A 309 11.55 3.61 -4.83
N LEU A 310 12.48 4.31 -5.46
CA LEU A 310 13.78 3.72 -5.74
C LEU A 310 14.60 3.79 -4.45
N ASN A 311 15.04 2.63 -3.99
CA ASN A 311 15.82 2.56 -2.77
C ASN A 311 17.31 2.43 -3.01
N THR A 312 18.09 3.32 -2.41
CA THR A 312 19.55 3.15 -2.41
C THR A 312 20.08 3.08 -0.99
N ASP A 313 20.71 1.97 -0.64
CA ASP A 313 21.25 1.81 0.69
C ASP A 313 22.61 2.49 0.83
N THR A 314 22.90 2.94 2.04
CA THR A 314 24.22 3.45 2.37
C THR A 314 24.52 3.06 3.83
N VAL A 315 25.79 2.84 4.17
CA VAL A 315 26.15 2.44 5.55
C VAL A 315 27.29 3.25 6.18
N ILE A 316 27.13 3.61 7.45
CA ILE A 316 28.21 4.19 8.22
C ILE A 316 28.40 3.38 9.52
N SER A 317 29.53 3.60 10.19
CA SER A 317 29.75 3.00 11.49
C SER A 317 30.36 4.04 12.43
N HIS A 318 29.87 4.09 13.66
CA HIS A 318 30.39 5.03 14.64
C HIS A 318 30.51 4.37 16.02
N PRO A 319 31.51 4.78 16.82
CA PRO A 319 31.79 4.22 18.15
C PRO A 319 30.62 4.12 19.15
N ASP A 320 29.79 5.16 19.28
CA ASP A 320 28.73 5.17 20.30
C ASP A 320 27.39 4.63 19.78
N VAL A 321 27.38 4.18 18.52
CA VAL A 321 26.21 3.51 17.98
C VAL A 321 25.96 2.24 18.77
N VAL A 322 24.71 1.98 19.12
CA VAL A 322 24.39 0.78 19.90
C VAL A 322 23.41 -0.13 19.18
N PHE A 323 23.89 -1.32 18.83
CA PHE A 323 23.05 -2.30 18.16
C PHE A 323 22.11 -3.03 19.12
N TYR A 324 20.92 -3.36 18.63
CA TYR A 324 20.00 -4.22 19.37
C TYR A 324 19.50 -5.31 18.41
N ASP A 325 19.47 -6.57 18.87
CA ASP A 325 19.14 -7.68 17.96
C ASP A 325 17.69 -8.11 18.15
N PHE A 326 16.85 -7.69 17.21
CA PHE A 326 15.40 -7.88 17.34
C PHE A 326 15.03 -9.28 16.90
N TYR A 327 15.92 -9.88 16.13
CA TYR A 327 15.69 -11.21 15.62
C TYR A 327 15.74 -12.16 16.81
N GLU A 328 16.67 -11.89 17.70
CA GLU A 328 16.83 -12.65 18.93
C GLU A 328 15.68 -12.37 19.92
N ALA A 329 14.82 -11.41 19.61
CA ALA A 329 13.69 -11.10 20.51
C ALA A 329 12.45 -11.95 20.20
N TRP A 330 12.55 -12.80 19.19
CA TRP A 330 11.47 -13.73 18.86
C TRP A 330 11.50 -14.97 19.74
N ASP A 331 12.67 -15.59 19.81
CA ASP A 331 12.87 -16.86 20.51
C ASP A 331 13.19 -16.62 21.99
N ASP A 332 14.36 -16.05 22.25
CA ASP A 332 14.93 -15.87 23.58
C ASP A 332 15.05 -14.38 23.89
N PRO A 333 13.91 -13.71 24.12
CA PRO A 333 13.98 -12.25 24.30
C PRO A 333 14.73 -11.85 25.58
N ILE A 334 15.50 -10.78 25.50
CA ILE A 334 16.16 -10.21 26.66
C ILE A 334 15.08 -9.95 27.72
N GLU A 335 15.26 -10.51 28.92
CA GLU A 335 14.08 -10.79 29.74
C GLU A 335 13.52 -9.51 30.39
N SER A 336 14.37 -8.53 30.64
CA SER A 336 13.86 -7.26 31.19
C SER A 336 13.01 -6.52 30.16
N ASP A 337 13.46 -6.51 28.90
CA ASP A 337 12.67 -5.93 27.81
C ASP A 337 11.34 -6.67 27.63
N LYS A 338 11.39 -8.01 27.58
CA LYS A 338 10.16 -8.82 27.54
C LYS A 338 9.27 -8.50 28.73
N ASN A 339 9.88 -8.39 29.91
CA ASN A 339 9.14 -8.00 31.10
C ASN A 339 8.59 -6.62 30.91
N SER A 340 9.43 -5.74 30.38
CA SER A 340 8.99 -4.37 30.22
C SER A 340 8.32 -4.13 28.87
N TYR A 341 8.06 -5.13 28.04
CA TYR A 341 6.95 -4.98 27.07
C TYR A 341 5.58 -5.47 27.58
N LEU A 342 5.59 -6.63 28.24
CA LEU A 342 4.36 -7.32 28.66
C LEU A 342 3.63 -6.63 29.81
N GLU A 343 4.09 -5.62 30.45
CA GLU A 343 3.46 -5.10 31.66
C GLU A 343 2.95 -3.63 31.54
N SER A 344 3.65 -2.58 31.24
CA SER A 344 3.31 -1.21 30.89
C SER A 344 3.39 -0.87 29.38
N ARG A 345 3.72 -1.87 28.57
CA ARG A 345 3.95 -1.66 27.13
C ARG A 345 5.06 -0.63 26.87
N THR A 346 6.27 -0.94 27.32
CA THR A 346 7.41 -0.04 27.12
C THR A 346 8.71 -0.74 26.74
N GLY A 347 9.79 0.04 26.74
CA GLY A 347 11.09 -0.52 26.39
C GLY A 347 11.23 -0.61 24.90
N ILE A 348 12.38 -1.13 24.50
CA ILE A 348 12.78 -1.18 23.10
C ILE A 348 11.77 -1.94 22.22
N LEU A 349 11.05 -2.90 22.81
CA LEU A 349 10.17 -3.74 22.01
C LEU A 349 8.91 -3.02 21.57
N ALA A 350 8.61 -1.89 22.20
CA ALA A 350 7.46 -1.09 21.78
C ALA A 350 7.86 -0.18 20.62
N GLN A 351 9.11 -0.30 20.17
CA GLN A 351 9.58 0.35 18.95
C GLN A 351 9.77 -0.68 17.82
N ALA A 352 9.55 -0.25 16.58
CA ALA A 352 9.65 -1.15 15.45
C ALA A 352 11.10 -1.59 15.23
N ALA A 353 11.27 -2.76 14.64
CA ALA A 353 12.60 -3.29 14.35
C ALA A 353 13.10 -2.83 12.98
N PRO A 354 14.42 -2.66 12.83
CA PRO A 354 15.39 -2.52 13.93
C PRO A 354 15.18 -1.13 14.48
N ASN A 355 16.06 -0.60 15.31
CA ASN A 355 15.75 0.73 15.83
C ASN A 355 15.72 1.72 14.67
N ILE A 356 14.60 2.38 14.43
CA ILE A 356 14.55 3.21 13.21
C ILE A 356 14.80 4.67 13.55
N GLY A 357 16.02 5.11 13.21
CA GLY A 357 16.64 6.30 13.76
C GLY A 357 16.14 7.45 12.95
N PRO A 358 16.96 8.49 12.76
CA PRO A 358 16.45 9.73 12.15
C PRO A 358 15.78 9.52 10.75
N MET A 359 14.60 10.12 10.55
CA MET A 359 14.04 10.28 9.20
C MET A 359 14.50 11.64 8.69
N PHE A 360 15.10 11.71 7.52
CA PHE A 360 15.38 13.04 6.98
C PHE A 360 15.08 13.19 5.49
N TRP A 361 14.78 14.41 5.08
CA TRP A 361 14.29 14.70 3.71
C TRP A 361 14.97 15.89 3.06
N GLU A 362 15.13 15.83 1.74
CA GLU A 362 15.43 17.03 0.96
C GLU A 362 14.89 16.93 -0.46
N GLU A 363 14.67 18.10 -1.06
CA GLU A 363 14.17 18.21 -2.43
C GLU A 363 15.24 18.80 -3.35
N ILE A 364 15.53 18.10 -4.44
CA ILE A 364 16.56 18.52 -5.39
C ILE A 364 16.01 18.94 -6.76
N VAL A 365 16.33 20.17 -7.17
CA VAL A 365 15.96 20.67 -8.48
C VAL A 365 16.92 20.11 -9.50
N GLY A 366 16.38 19.39 -10.46
CA GLY A 366 17.20 18.70 -11.43
C GLY A 366 17.46 19.58 -12.62
N ALA A 367 18.41 19.16 -13.45
CA ALA A 367 18.75 19.87 -14.68
C ALA A 367 17.54 20.12 -15.60
N ASP A 368 16.52 19.26 -15.51
CA ASP A 368 15.29 19.43 -16.30
C ASP A 368 14.29 20.34 -15.58
N GLY A 369 14.72 20.88 -14.44
CA GLY A 369 13.90 21.78 -13.66
C GLY A 369 12.72 21.08 -13.02
N ILE A 370 12.84 19.76 -12.90
CA ILE A 370 11.90 18.97 -12.13
C ILE A 370 12.40 18.82 -10.70
N VAL A 371 11.53 19.10 -9.74
CA VAL A 371 11.89 18.91 -8.36
C VAL A 371 11.74 17.46 -7.94
N ARG A 372 12.82 16.83 -7.49
CA ARG A 372 12.72 15.45 -7.06
C ARG A 372 12.82 15.34 -5.54
N GLN A 373 11.93 14.55 -4.96
CA GLN A 373 11.84 14.42 -3.51
C GLN A 373 12.60 13.22 -2.98
N LEU A 374 13.51 13.45 -2.04
CA LEU A 374 14.22 12.36 -1.38
C LEU A 374 13.71 12.13 0.05
N GLN A 375 13.72 10.87 0.48
CA GLN A 375 13.57 10.56 1.91
C GLN A 375 14.63 9.56 2.35
N TRP A 376 15.29 9.86 3.46
CA TRP A 376 16.17 8.88 4.09
C TRP A 376 15.53 8.32 5.33
N THR A 377 15.78 7.03 5.55
CA THR A 377 15.41 6.32 6.76
C THR A 377 16.66 5.68 7.34
N ALA A 378 17.05 6.06 8.56
CA ALA A 378 18.19 5.43 9.21
C ALA A 378 17.72 4.34 10.17
N ARG A 379 18.48 3.25 10.23
CA ARG A 379 18.17 2.16 11.14
C ARG A 379 19.48 1.60 11.76
N VAL A 380 19.38 0.92 12.89
CA VAL A 380 20.59 0.38 13.49
C VAL A 380 20.65 -1.09 13.14
N GLU A 381 21.47 -1.39 12.15
CA GLU A 381 21.51 -2.70 11.50
C GLU A 381 22.55 -2.57 10.38
N GLY A 382 23.19 -3.65 9.98
CA GLY A 382 24.08 -3.60 8.83
C GLY A 382 23.24 -3.80 7.58
N SER A 383 23.79 -3.59 6.40
CA SER A 383 22.96 -3.79 5.22
C SER A 383 23.63 -4.60 4.11
N LEU A 384 24.72 -4.05 3.59
CA LEU A 384 25.32 -4.52 2.35
C LEU A 384 26.29 -5.66 2.60
N GLY A 385 26.23 -6.23 3.80
CA GLY A 385 27.10 -7.33 4.20
C GLY A 385 28.07 -6.79 5.20
N ALA A 386 27.93 -5.49 5.49
CA ALA A 386 28.64 -4.85 6.58
C ALA A 386 28.11 -5.39 7.90
N PRO A 387 29.00 -5.56 8.89
CA PRO A 387 28.65 -6.24 10.15
C PRO A 387 27.68 -5.43 10.99
N ASN A 388 27.03 -6.13 11.92
CA ASN A 388 25.85 -5.62 12.60
C ASN A 388 26.11 -4.70 13.79
N GLY A 389 27.31 -4.71 14.35
CA GLY A 389 27.54 -4.06 15.63
C GLY A 389 27.48 -2.55 15.85
N HIS A 390 28.35 -1.80 15.17
CA HIS A 390 28.36 -0.34 15.31
C HIS A 390 27.71 0.39 14.16
N THR A 391 27.18 -0.39 13.23
CA THR A 391 26.69 0.18 11.99
C THR A 391 25.32 0.82 12.13
N MET A 392 25.09 1.80 11.26
CA MET A 392 23.75 2.28 10.98
C MET A 392 23.59 2.33 9.46
N THR A 393 22.45 1.87 8.96
CA THR A 393 22.18 1.96 7.54
C THR A 393 21.30 3.17 7.28
N MET A 394 21.63 3.91 6.23
CA MET A 394 20.79 5.03 5.83
C MET A 394 20.27 4.79 4.40
N SER A 395 18.97 4.55 4.29
CA SER A 395 18.40 4.15 3.01
C SER A 395 17.75 5.36 2.38
N GLN A 396 18.19 5.69 1.17
CA GLN A 396 17.67 6.83 0.41
C GLN A 396 16.54 6.43 -0.58
N TYR A 397 15.37 7.02 -0.38
CA TYR A 397 14.19 6.78 -1.23
C TYR A 397 14.04 7.85 -2.31
N LEU A 398 13.89 7.45 -3.57
CA LEU A 398 13.61 8.45 -4.60
C LEU A 398 12.10 8.45 -4.95
N GLY A 399 11.44 9.51 -4.48
CA GLY A 399 10.00 9.67 -4.47
C GLY A 399 9.37 10.58 -5.51
N ARG A 400 8.36 11.34 -5.07
CA ARG A 400 7.61 12.21 -5.96
C ARG A 400 8.49 13.06 -6.84
N GLY A 401 8.13 13.12 -8.12
CA GLY A 401 8.87 13.87 -9.11
C GLY A 401 9.72 12.99 -10.02
N ALA A 402 10.12 11.82 -9.55
CA ALA A 402 10.86 10.92 -10.44
C ALA A 402 9.95 10.47 -11.59
N THR A 403 10.45 10.51 -12.82
CA THR A 403 9.60 10.27 -13.99
C THR A 403 9.50 8.83 -14.49
N SER A 404 10.37 7.93 -14.02
CA SER A 404 10.46 6.60 -14.62
C SER A 404 9.27 5.71 -14.23
N ARG A 405 8.92 4.74 -15.07
CA ARG A 405 7.84 3.77 -14.77
C ARG A 405 8.06 2.42 -15.44
N GLY A 406 7.66 1.36 -14.73
CA GLY A 406 7.72 0.00 -15.24
C GLY A 406 6.35 -0.62 -15.47
N ARG A 407 6.29 -1.95 -15.50
CA ARG A 407 5.06 -2.64 -15.86
C ARG A 407 4.83 -3.94 -15.09
N MET A 408 3.57 -4.23 -14.78
CA MET A 408 3.23 -5.48 -14.16
C MET A 408 2.42 -6.28 -15.14
N THR A 409 2.81 -7.54 -15.32
CA THR A 409 2.11 -8.44 -16.24
C THR A 409 1.82 -9.74 -15.50
N ILE A 410 1.04 -10.60 -16.13
CA ILE A 410 0.65 -11.86 -15.50
C ILE A 410 1.19 -13.07 -16.26
N THR A 411 1.50 -14.12 -15.52
CA THR A 411 1.97 -15.40 -16.08
C THR A 411 0.80 -16.35 -16.33
N PRO A 412 1.02 -17.39 -17.16
CA PRO A 412 0.06 -18.49 -17.33
C PRO A 412 -0.38 -19.14 -16.02
N SER A 413 0.46 -19.02 -14.99
CA SER A 413 0.18 -19.55 -13.67
C SER A 413 -0.81 -18.66 -12.93
N LEU A 414 -1.11 -17.51 -13.53
CA LEU A 414 -1.93 -16.45 -12.93
C LEU A 414 -1.28 -15.84 -11.71
N THR A 415 0.03 -15.78 -11.73
CA THR A 415 0.72 -15.09 -10.67
C THR A 415 1.32 -13.85 -11.33
N THR A 416 1.46 -12.79 -10.56
CA THR A 416 1.87 -11.52 -11.14
C THR A 416 3.38 -11.39 -11.06
N ILE A 417 3.97 -10.78 -12.08
CA ILE A 417 5.41 -10.52 -12.11
C ILE A 417 5.74 -9.08 -12.54
N VAL A 418 6.86 -8.56 -12.04
CA VAL A 418 7.31 -7.25 -12.50
C VAL A 418 8.26 -7.44 -13.69
N SER A 419 7.75 -7.22 -14.89
CA SER A 419 8.50 -7.55 -16.09
C SER A 419 9.16 -6.34 -16.77
N ASP A 420 8.92 -5.16 -16.24
CA ASP A 420 9.64 -3.96 -16.66
C ASP A 420 10.03 -3.27 -15.35
N VAL A 421 11.34 -3.15 -15.12
CA VAL A 421 11.84 -2.52 -13.91
C VAL A 421 11.62 -1.03 -14.02
N PRO A 422 10.92 -0.45 -13.03
CA PRO A 422 10.56 0.98 -13.08
C PRO A 422 11.72 1.94 -12.90
N TYR A 423 12.82 1.50 -12.29
CA TYR A 423 13.81 2.43 -11.77
C TYR A 423 14.81 2.97 -12.80
N LEU A 424 15.20 4.23 -12.59
CA LEU A 424 16.32 4.88 -13.26
C LEU A 424 16.32 4.84 -14.79
N LYS A 425 15.14 4.95 -15.39
CA LYS A 425 15.02 5.00 -16.84
C LYS A 425 15.41 6.41 -17.36
N ASP A 426 15.05 7.46 -16.62
CA ASP A 426 15.45 8.83 -16.94
C ASP A 426 16.75 9.15 -16.20
N PRO A 427 17.79 9.61 -16.92
CA PRO A 427 19.09 9.83 -16.27
C PRO A 427 19.05 10.91 -15.19
N ASN A 428 18.17 11.88 -15.35
CA ASN A 428 18.04 12.92 -14.35
C ASN A 428 17.57 12.38 -13.00
N ASP A 429 16.90 11.23 -13.00
CA ASP A 429 16.56 10.51 -11.76
C ASP A 429 17.84 10.05 -11.05
N LYS A 430 18.74 9.43 -11.82
CA LYS A 430 20.03 9.03 -11.29
C LYS A 430 20.79 10.24 -10.71
N GLU A 431 20.76 11.36 -11.41
CA GLU A 431 21.46 12.56 -10.98
C GLU A 431 21.03 13.01 -9.58
N ALA A 432 19.73 12.94 -9.32
CA ALA A 432 19.22 13.32 -8.01
C ALA A 432 19.71 12.36 -6.93
N VAL A 433 19.82 11.09 -7.27
CA VAL A 433 20.28 10.10 -6.31
C VAL A 433 21.70 10.43 -5.87
N ILE A 434 22.57 10.61 -6.86
CA ILE A 434 23.98 10.89 -6.62
C ILE A 434 24.14 12.16 -5.80
N GLN A 435 23.49 13.23 -6.24
CA GLN A 435 23.60 14.52 -5.55
C GLN A 435 23.17 14.42 -4.09
N GLY A 436 22.24 13.52 -3.82
CA GLY A 436 21.72 13.36 -2.49
C GLY A 436 22.73 12.73 -1.57
N ILE A 437 23.55 11.83 -2.11
CA ILE A 437 24.61 11.21 -1.34
C ILE A 437 25.68 12.25 -1.01
N ILE A 438 26.09 12.98 -2.05
CA ILE A 438 27.06 14.06 -1.88
C ILE A 438 26.60 15.00 -0.77
N ASN A 439 25.37 15.49 -0.88
CA ASN A 439 24.78 16.30 0.16
C ASN A 439 24.81 15.64 1.54
N LEU A 440 24.56 14.34 1.60
CA LEU A 440 24.52 13.67 2.90
C LEU A 440 25.91 13.65 3.47
N GLN A 441 26.86 13.29 2.63
CA GLN A 441 28.25 13.33 3.03
C GLN A 441 28.70 14.70 3.59
N ASN A 442 28.31 15.85 3.02
CA ASN A 442 28.97 17.04 3.58
C ASN A 442 28.29 17.51 4.86
N ALA A 443 27.12 17.00 5.17
CA ALA A 443 26.54 17.36 6.46
C ALA A 443 27.19 16.51 7.54
N LEU A 444 27.64 15.32 7.15
CA LEU A 444 28.28 14.41 8.10
C LEU A 444 29.80 14.47 8.08
N GLN A 445 30.37 15.36 7.27
CA GLN A 445 31.83 15.51 7.22
C GLN A 445 32.34 16.03 8.56
N ASN A 446 31.51 16.77 9.29
CA ASN A 446 31.86 17.05 10.66
C ASN A 446 31.05 16.19 11.60
N VAL A 447 31.63 15.04 11.94
CA VAL A 447 31.24 14.18 13.05
C VAL A 447 32.54 13.52 13.48
N ALA A 448 32.82 13.49 14.78
CA ALA A 448 34.05 12.86 15.22
C ALA A 448 33.92 11.35 15.13
N ASN A 449 34.92 10.70 14.55
CA ASN A 449 35.07 9.23 14.56
C ASN A 449 34.15 8.49 13.58
N LEU A 450 33.30 9.22 12.85
CA LEU A 450 32.39 8.59 11.88
C LEU A 450 33.11 8.01 10.68
N THR A 451 32.89 6.72 10.45
CA THR A 451 33.51 6.03 9.33
C THR A 451 32.47 5.74 8.24
N TRP A 452 32.81 6.07 6.99
CA TRP A 452 31.94 5.77 5.85
C TRP A 452 32.31 4.44 5.22
N LEU A 453 31.46 3.43 5.41
CA LEU A 453 31.68 2.12 4.80
C LEU A 453 31.13 2.02 3.37
N PHE A 454 29.92 2.53 3.18
CA PHE A 454 29.19 2.42 1.90
C PHE A 454 28.55 3.73 1.49
N PRO A 455 29.19 4.50 0.59
CA PRO A 455 30.47 4.17 -0.04
C PRO A 455 31.67 4.43 0.86
N ASN A 456 32.70 3.58 0.76
CA ASN A 456 33.95 3.83 1.46
C ASN A 456 34.63 5.03 0.80
N SER A 457 35.59 5.64 1.49
CA SER A 457 36.21 6.87 1.00
C SER A 457 37.00 6.70 -0.29
N THR A 458 37.19 5.46 -0.73
CA THR A 458 37.95 5.18 -1.95
C THR A 458 37.08 5.14 -3.21
N ILE A 459 35.77 5.31 -3.06
CA ILE A 459 34.86 5.43 -4.21
C ILE A 459 34.08 6.73 -4.21
N THR A 460 33.87 7.30 -5.39
CA THR A 460 33.07 8.52 -5.52
C THR A 460 31.59 8.17 -5.56
N PRO A 461 30.73 9.06 -5.03
CA PRO A 461 29.30 8.81 -4.99
C PRO A 461 28.77 8.38 -6.36
N ARG A 462 29.21 9.04 -7.42
CA ARG A 462 28.79 8.67 -8.78
C ARG A 462 29.15 7.23 -9.14
N GLU A 463 30.41 6.84 -8.95
CA GLU A 463 30.84 5.49 -9.28
C GLU A 463 30.08 4.45 -8.47
N TYR A 464 29.90 4.76 -7.19
CA TYR A 464 29.17 3.92 -6.26
C TYR A 464 27.80 3.54 -6.82
N VAL A 465 27.10 4.53 -7.36
CA VAL A 465 25.76 4.32 -7.87
C VAL A 465 25.73 3.54 -9.18
N GLU A 466 26.62 3.89 -10.11
CA GLU A 466 26.61 3.29 -11.45
C GLU A 466 26.99 1.83 -11.42
N SER A 467 27.76 1.44 -10.41
CA SER A 467 28.17 0.05 -10.28
C SER A 467 27.01 -0.84 -9.88
N MET A 468 25.99 -0.25 -9.27
CA MET A 468 24.92 -1.03 -8.68
C MET A 468 24.01 -1.63 -9.74
N VAL A 469 23.52 -2.82 -9.43
CA VAL A 469 22.47 -3.47 -10.20
C VAL A 469 21.15 -2.74 -9.94
N VAL A 470 20.36 -2.52 -10.99
CA VAL A 470 19.02 -1.98 -10.81
C VAL A 470 17.95 -3.08 -10.99
N SER A 471 17.46 -3.56 -9.85
CA SER A 471 16.48 -4.65 -9.79
C SER A 471 15.62 -4.47 -8.54
N PRO A 472 14.35 -4.90 -8.59
CA PRO A 472 13.55 -4.97 -7.37
C PRO A 472 14.27 -5.66 -6.22
N SER A 473 14.96 -6.77 -6.47
CA SER A 473 15.62 -7.53 -5.40
C SER A 473 16.45 -6.64 -4.46
N ASN A 474 17.50 -6.01 -4.98
CA ASN A 474 18.31 -5.11 -4.15
C ASN A 474 17.78 -3.67 -3.98
N ARG A 475 17.05 -3.17 -4.98
CA ARG A 475 16.52 -1.78 -4.98
C ARG A 475 15.03 -1.51 -4.68
N ARG A 476 14.21 -2.52 -4.39
CA ARG A 476 12.79 -2.25 -4.10
C ARG A 476 12.60 -1.59 -2.73
N SER A 477 11.60 -0.72 -2.62
CA SER A 477 11.18 -0.19 -1.33
C SER A 477 9.91 -0.82 -0.75
N ASN A 478 9.29 -1.72 -1.52
CA ASN A 478 8.01 -2.39 -1.18
C ASN A 478 6.83 -1.44 -1.11
N HIS A 479 6.98 -0.30 -1.76
CA HIS A 479 5.97 0.76 -1.85
C HIS A 479 5.17 0.78 -3.19
N TRP A 480 5.07 -0.38 -3.86
CA TRP A 480 4.40 -0.54 -5.16
C TRP A 480 3.02 0.08 -5.31
N MET A 481 2.86 0.84 -6.38
CA MET A 481 1.68 1.65 -6.60
C MET A 481 1.39 1.77 -8.07
N GLY A 482 0.17 2.18 -8.41
CA GLY A 482 -0.05 2.77 -9.73
C GLY A 482 -0.55 1.92 -10.88
N THR A 483 -0.70 0.62 -10.68
CA THR A 483 -1.11 -0.29 -11.75
C THR A 483 -2.53 -0.04 -12.24
N ASN A 484 -3.39 0.49 -11.37
CA ASN A 484 -4.66 0.97 -11.89
C ASN A 484 -4.84 2.46 -11.73
N LYS A 485 -4.40 3.22 -12.72
CA LYS A 485 -4.17 4.64 -12.52
C LYS A 485 -5.47 5.43 -12.55
N LEU A 486 -5.58 6.38 -11.62
CA LEU A 486 -6.72 7.27 -11.57
C LEU A 486 -6.46 8.44 -12.51
N GLY A 487 -7.48 8.88 -13.23
CA GLY A 487 -7.28 9.94 -14.19
C GLY A 487 -8.49 10.25 -15.04
N THR A 488 -8.44 11.39 -15.72
CA THR A 488 -9.55 11.81 -16.54
C THR A 488 -9.48 11.20 -17.93
N ASP A 489 -8.33 10.59 -18.27
CA ASP A 489 -8.18 10.10 -19.64
C ASP A 489 -8.49 8.60 -19.75
N ASP A 490 -9.72 8.33 -20.18
CA ASP A 490 -10.26 6.98 -20.26
C ASP A 490 -9.29 6.07 -21.02
N GLY A 491 -8.92 4.97 -20.37
CA GLY A 491 -8.03 3.98 -20.95
C GLY A 491 -8.53 3.32 -22.24
N ARG A 492 -9.84 3.21 -22.41
CA ARG A 492 -10.38 2.51 -23.57
C ARG A 492 -10.04 3.24 -24.86
N LYS A 493 -9.73 4.54 -24.76
CA LYS A 493 -9.37 5.35 -25.92
C LYS A 493 -7.88 5.48 -26.08
N GLY A 494 -7.12 4.79 -25.22
CA GLY A 494 -5.67 4.88 -25.25
C GLY A 494 -5.01 5.68 -24.13
N GLY A 495 -5.83 6.32 -23.28
CA GLY A 495 -5.30 7.08 -22.15
C GLY A 495 -4.63 6.24 -21.07
N SER A 496 -4.12 6.91 -20.05
CA SER A 496 -3.43 6.25 -18.95
C SER A 496 -4.35 5.81 -17.80
N ALA A 497 -5.60 6.28 -17.76
CA ALA A 497 -6.44 5.97 -16.60
C ALA A 497 -7.19 4.64 -16.67
N VAL A 498 -7.02 3.83 -15.63
CA VAL A 498 -7.85 2.64 -15.41
C VAL A 498 -9.19 2.97 -14.72
N VAL A 499 -9.16 3.95 -13.82
CA VAL A 499 -10.36 4.38 -13.08
C VAL A 499 -10.52 5.89 -13.15
N ASP A 500 -11.76 6.34 -12.92
CA ASP A 500 -12.07 7.78 -13.02
C ASP A 500 -11.89 8.47 -11.64
N LEU A 501 -12.32 9.73 -11.50
CA LEU A 501 -12.15 10.47 -10.23
C LEU A 501 -12.93 9.90 -9.05
N ASP A 502 -13.95 9.09 -9.33
CA ASP A 502 -14.69 8.43 -8.26
C ASP A 502 -14.11 7.07 -7.92
N THR A 503 -12.98 6.75 -8.56
CA THR A 503 -12.34 5.43 -8.58
C THR A 503 -13.19 4.35 -9.26
N ARG A 504 -14.12 4.78 -10.13
CA ARG A 504 -14.92 3.85 -10.92
C ARG A 504 -14.11 3.36 -12.09
N VAL A 505 -14.24 2.07 -12.38
CA VAL A 505 -13.52 1.44 -13.46
C VAL A 505 -14.18 1.78 -14.79
N TYR A 506 -13.40 2.36 -15.71
CA TYR A 506 -13.94 2.71 -17.03
C TYR A 506 -14.55 1.50 -17.68
N GLY A 507 -15.71 1.68 -18.31
CA GLY A 507 -16.39 0.53 -18.86
C GLY A 507 -17.39 -0.18 -17.96
N THR A 508 -17.40 0.20 -16.67
CA THR A 508 -18.34 -0.37 -15.72
C THR A 508 -19.17 0.72 -15.08
N ASP A 509 -20.40 0.40 -14.68
CA ASP A 509 -21.18 1.31 -13.84
C ASP A 509 -20.98 1.15 -12.32
N ASN A 510 -20.87 -0.07 -11.80
CA ASN A 510 -20.69 -0.27 -10.35
C ASN A 510 -19.34 -0.73 -9.78
N LEU A 511 -18.25 -0.74 -10.54
CA LEU A 511 -16.98 -1.28 -9.99
C LEU A 511 -15.87 -0.25 -9.65
N PHE A 512 -15.30 -0.37 -8.45
CA PHE A 512 -14.40 0.67 -7.93
C PHE A 512 -13.07 0.10 -7.43
N VAL A 513 -12.03 0.92 -7.42
CA VAL A 513 -10.75 0.47 -6.88
C VAL A 513 -10.24 1.41 -5.78
N ILE A 514 -10.14 0.92 -4.55
CA ILE A 514 -9.47 1.68 -3.48
C ILE A 514 -8.30 0.90 -2.84
N ASP A 515 -7.08 1.28 -3.25
CA ASP A 515 -5.81 0.79 -2.66
C ASP A 515 -4.67 1.50 -3.35
N ALA A 516 -3.43 1.09 -3.07
CA ALA A 516 -2.27 1.76 -3.65
C ALA A 516 -2.21 1.77 -5.18
N SER A 517 -3.01 0.91 -5.81
CA SER A 517 -2.89 0.76 -7.26
C SER A 517 -3.38 1.99 -8.03
N ILE A 518 -4.18 2.84 -7.40
CA ILE A 518 -4.72 3.97 -8.16
C ILE A 518 -3.81 5.19 -8.23
N PHE A 519 -2.75 5.22 -7.42
CA PHE A 519 -1.90 6.41 -7.33
C PHE A 519 -1.12 6.64 -8.61
N PRO A 520 -1.18 7.86 -9.11
CA PRO A 520 -0.44 8.20 -10.33
C PRO A 520 1.07 8.09 -10.14
N GLY A 521 1.53 8.02 -8.89
CA GLY A 521 2.94 7.86 -8.56
C GLY A 521 3.10 7.74 -7.06
N VAL A 522 4.32 7.49 -6.58
CA VAL A 522 4.56 7.39 -5.15
C VAL A 522 4.75 8.79 -4.53
N PRO A 523 4.36 8.96 -3.27
CA PRO A 523 4.49 10.21 -2.53
C PRO A 523 5.89 10.38 -1.94
N THR A 524 6.08 11.42 -1.12
CA THR A 524 7.35 11.73 -0.46
C THR A 524 7.78 10.63 0.54
N THR A 525 6.79 9.93 1.07
CA THR A 525 6.82 9.24 2.34
C THR A 525 6.39 7.75 2.19
N ASN A 526 6.60 6.93 3.22
CA ASN A 526 5.94 5.61 3.27
C ASN A 526 4.43 5.79 3.11
N PRO A 527 3.84 5.10 2.12
CA PRO A 527 2.49 5.38 1.62
C PRO A 527 1.27 5.03 2.50
N THR A 528 1.44 4.23 3.56
CA THR A 528 0.24 3.70 4.22
C THR A 528 -0.77 4.80 4.62
N SER A 529 -0.29 5.89 5.23
CA SER A 529 -1.19 7.00 5.59
C SER A 529 -1.84 7.62 4.33
N TYR A 530 -1.07 7.75 3.26
CA TYR A 530 -1.63 8.21 1.99
C TYR A 530 -2.76 7.33 1.49
N ILE A 531 -2.59 6.00 1.61
CA ILE A 531 -3.59 5.08 1.09
C ILE A 531 -4.85 5.13 1.97
N VAL A 532 -4.66 5.27 3.27
CA VAL A 532 -5.78 5.45 4.20
C VAL A 532 -6.56 6.72 3.89
N VAL A 533 -5.81 7.81 3.68
CA VAL A 533 -6.38 9.07 3.28
C VAL A 533 -7.20 8.91 1.99
N ALA A 534 -6.64 8.18 1.04
CA ALA A 534 -7.32 7.99 -0.23
C ALA A 534 -8.57 7.16 -0.03
N ALA A 535 -8.54 6.25 0.93
CA ALA A 535 -9.73 5.48 1.25
C ALA A 535 -10.82 6.40 1.81
N GLU A 536 -10.42 7.30 2.69
CA GLU A 536 -11.34 8.26 3.27
C GLU A 536 -11.98 9.13 2.21
N HIS A 537 -11.15 9.62 1.30
CA HIS A 537 -11.59 10.54 0.28
C HIS A 537 -12.49 9.84 -0.75
N ALA A 538 -12.06 8.66 -1.21
CA ALA A 538 -12.81 7.93 -2.24
C ALA A 538 -14.15 7.43 -1.71
N SER A 539 -14.18 6.88 -0.50
CA SER A 539 -15.46 6.41 0.08
C SER A 539 -16.50 7.54 0.18
N SER A 540 -16.08 8.76 0.53
CA SER A 540 -17.03 9.85 0.64
C SER A 540 -17.52 10.27 -0.75
N ARG A 541 -16.63 10.24 -1.73
CA ARG A 541 -17.03 10.53 -3.10
C ARG A 541 -18.03 9.48 -3.59
N ILE A 542 -17.71 8.20 -3.37
CA ILE A 542 -18.59 7.14 -3.80
C ILE A 542 -19.95 7.24 -3.10
N LEU A 543 -19.95 7.61 -1.82
CA LEU A 543 -21.21 7.73 -1.08
C LEU A 543 -22.03 8.95 -1.50
N ALA A 544 -21.40 9.87 -2.23
CA ALA A 544 -22.12 11.04 -2.73
C ALA A 544 -22.75 10.77 -4.10
N LEU A 545 -22.42 9.64 -4.71
CA LEU A 545 -23.10 9.24 -5.94
C LEU A 545 -24.51 8.79 -5.66
N PRO A 546 -25.45 9.25 -6.49
CA PRO A 546 -26.86 8.83 -6.54
C PRO A 546 -27.01 7.35 -6.92
N ASP A 547 -28.11 6.73 -6.51
CA ASP A 547 -28.39 5.33 -6.86
C ASP A 547 -28.33 5.14 -8.37
N LEU A 548 -27.75 4.04 -8.82
CA LEU A 548 -27.76 3.72 -10.23
C LEU A 548 -29.18 3.57 -10.72
N GLU A 549 -29.51 4.21 -11.85
CA GLU A 549 -30.83 4.03 -12.48
C GLU A 549 -30.67 3.09 -13.68
N PRO A 550 -31.56 2.09 -13.78
CA PRO A 550 -31.50 1.15 -14.91
C PRO A 550 -31.98 1.79 -16.20
N VAL A 551 -31.64 1.16 -17.32
CA VAL A 551 -31.95 1.65 -18.65
C VAL A 551 -33.29 1.10 -19.11
N PRO A 552 -34.18 1.99 -19.61
CA PRO A 552 -35.44 1.58 -20.25
C PRO A 552 -35.14 0.81 -21.50
N LYS A 553 -36.08 -0.06 -21.86
CA LYS A 553 -35.88 -0.95 -22.98
C LYS A 553 -35.82 -0.10 -24.23
N TYR A 554 -35.02 -0.56 -25.20
CA TYR A 554 -34.74 0.12 -26.47
C TYR A 554 -33.63 1.18 -26.30
N GLY A 555 -33.22 1.44 -25.06
CA GLY A 555 -32.14 2.37 -24.79
C GLY A 555 -30.76 1.72 -24.85
N GLN A 556 -29.69 2.53 -24.85
CA GLN A 556 -28.34 2.00 -24.90
C GLN A 556 -27.81 1.57 -23.52
N CYS A 557 -27.43 0.29 -23.41
CA CYS A 557 -26.88 -0.26 -22.17
C CYS A 557 -25.37 -0.55 -22.17
N GLY A 558 -24.67 -0.24 -23.26
CA GLY A 558 -23.25 -0.54 -23.33
C GLY A 558 -22.56 -0.14 -24.64
N GLY A 559 -21.23 -0.18 -24.62
CA GLY A 559 -20.43 0.06 -25.81
C GLY A 559 -19.00 0.39 -25.40
N ARG A 560 -18.07 0.35 -26.34
CA ARG A 560 -16.67 0.62 -26.03
C ARG A 560 -16.47 2.03 -25.48
N GLU A 561 -17.29 2.98 -25.91
CA GLU A 561 -17.20 4.33 -25.37
C GLU A 561 -18.26 4.70 -24.31
N TRP A 562 -19.14 3.77 -23.97
CA TRP A 562 -20.29 4.05 -23.10
C TRP A 562 -19.86 4.43 -21.67
N THR A 563 -20.35 5.57 -21.18
CA THR A 563 -20.10 5.99 -19.79
C THR A 563 -21.27 5.75 -18.82
N GLY A 564 -22.44 5.44 -19.38
CA GLY A 564 -23.66 5.40 -18.59
C GLY A 564 -23.95 4.13 -17.82
N SER A 565 -25.23 3.94 -17.51
CA SER A 565 -25.68 2.73 -16.83
C SER A 565 -25.53 1.53 -17.79
N PHE A 566 -25.05 0.40 -17.27
CA PHE A 566 -24.94 -0.81 -18.07
C PHE A 566 -26.04 -1.83 -17.79
N VAL A 567 -26.92 -1.51 -16.85
CA VAL A 567 -27.91 -2.49 -16.40
C VAL A 567 -29.32 -2.14 -16.91
N CYS A 568 -30.10 -3.17 -17.22
CA CYS A 568 -31.38 -2.98 -17.91
C CYS A 568 -32.55 -3.09 -16.95
N ALA A 569 -33.58 -2.29 -17.23
CA ALA A 569 -34.79 -2.29 -16.42
C ALA A 569 -35.44 -3.68 -16.48
N ASP A 570 -36.19 -4.02 -15.43
CA ASP A 570 -36.92 -5.29 -15.39
C ASP A 570 -37.79 -5.42 -16.64
N GLY A 571 -37.77 -6.59 -17.26
CA GLY A 571 -38.57 -6.80 -18.46
C GLY A 571 -37.82 -6.60 -19.77
N SER A 572 -36.50 -6.45 -19.67
CA SER A 572 -35.64 -6.50 -20.85
C SER A 572 -34.22 -6.85 -20.45
N THR A 573 -33.44 -7.32 -21.43
CA THR A 573 -32.08 -7.75 -21.19
C THR A 573 -31.12 -6.88 -21.98
N CYS A 574 -29.85 -6.85 -21.57
CA CYS A 574 -28.84 -6.12 -22.30
C CYS A 574 -28.11 -7.06 -23.23
N GLU A 575 -28.21 -6.83 -24.55
CA GLU A 575 -27.44 -7.67 -25.45
C GLU A 575 -26.63 -6.90 -26.47
N TYR A 576 -25.44 -7.45 -26.67
CA TYR A 576 -24.42 -6.96 -27.58
C TYR A 576 -24.97 -6.81 -28.99
N GLN A 577 -24.48 -5.83 -29.72
CA GLN A 577 -24.73 -5.76 -31.15
C GLN A 577 -23.37 -5.65 -31.85
N ASN A 578 -22.65 -4.57 -31.55
CA ASN A 578 -21.29 -4.40 -32.00
C ASN A 578 -20.48 -3.79 -30.87
N GLU A 579 -19.18 -3.60 -31.08
CA GLU A 579 -18.33 -3.14 -29.98
C GLU A 579 -18.62 -1.69 -29.59
N TRP A 580 -19.39 -0.98 -30.41
CA TRP A 580 -19.83 0.37 -30.05
C TRP A 580 -21.24 0.47 -29.48
N TYR A 581 -21.95 -0.66 -29.38
CA TYR A 581 -23.38 -0.61 -29.02
C TYR A 581 -23.92 -1.87 -28.32
N SER A 582 -24.84 -1.67 -27.39
CA SER A 582 -25.58 -2.76 -26.77
C SER A 582 -26.92 -2.18 -26.41
N GLN A 583 -27.98 -2.95 -26.59
CA GLN A 583 -29.31 -2.43 -26.37
C GLN A 583 -30.08 -3.27 -25.36
N CYS A 584 -31.09 -2.65 -24.75
CA CYS A 584 -32.05 -3.38 -23.93
C CYS A 584 -33.15 -3.98 -24.80
N LEU A 585 -33.40 -5.27 -24.63
CA LEU A 585 -34.40 -6.00 -25.43
C LEU A 585 -35.01 -7.16 -24.64
C1 NAG B . 16.16 23.09 -0.37
C2 NAG B . 16.00 23.78 -1.72
C3 NAG B . 17.37 24.03 -2.36
C4 NAG B . 18.26 24.83 -1.41
C5 NAG B . 18.33 24.12 -0.06
C6 NAG B . 19.07 24.91 0.99
C7 NAG B . 13.89 23.32 -2.87
C8 NAG B . 13.17 22.41 -3.82
N2 NAG B . 15.16 23.00 -2.62
O3 NAG B . 17.21 24.70 -3.60
O4 NAG B . 19.58 24.96 -1.92
O5 NAG B . 17.01 23.89 0.48
O6 NAG B . 18.19 25.40 1.98
O7 NAG B . 13.34 24.27 -2.34
C1 NAG B . 19.80 26.06 -2.85
C2 NAG B . 21.07 26.87 -2.54
C3 NAG B . 21.21 28.00 -3.55
C4 NAG B . 21.24 27.43 -4.97
C5 NAG B . 19.98 26.61 -5.21
C6 NAG B . 19.99 25.90 -6.56
C7 NAG B . 21.72 26.74 -0.17
C8 NAG B . 21.64 27.41 1.17
N2 NAG B . 21.08 27.37 -1.18
O3 NAG B . 22.40 28.74 -3.28
O4 NAG B . 21.33 28.47 -5.94
O5 NAG B . 19.85 25.57 -4.21
O6 NAG B . 18.92 24.98 -6.67
O7 NAG B . 22.31 25.68 -0.35
C1 NAG C . -8.86 -19.49 8.76
C2 NAG C . -9.86 -19.90 9.83
C3 NAG C . -9.22 -19.89 11.22
C4 NAG C . -7.88 -20.62 11.23
C5 NAG C . -7.01 -20.19 10.05
C6 NAG C . -5.72 -20.95 9.92
C7 NAG C . -12.22 -19.36 9.34
C8 NAG C . -13.29 -18.31 9.42
N2 NAG C . -11.02 -19.01 9.82
O3 NAG C . -10.12 -20.47 12.15
O4 NAG C . -7.21 -20.25 12.42
O5 NAG C . -7.73 -20.35 8.83
O6 NAG C . -5.92 -22.33 9.66
O7 NAG C . -12.43 -20.47 8.86
C1 NAG C . -7.00 -21.32 13.37
C2 NAG C . -5.78 -20.89 14.20
C3 NAG C . -5.51 -21.88 15.34
C4 NAG C . -6.78 -22.19 16.13
C5 NAG C . -7.89 -22.60 15.16
C6 NAG C . -9.21 -22.88 15.85
C7 NAG C . -4.18 -19.54 12.93
C8 NAG C . -2.96 -19.55 12.05
N2 NAG C . -4.61 -20.72 13.37
O3 NAG C . -4.53 -21.34 16.21
O4 NAG C . -6.56 -23.22 17.09
O5 NAG C . -8.11 -21.54 14.22
O6 NAG C . -10.29 -22.20 15.22
O7 NAG C . -4.75 -18.49 13.24
PA FAD D . -2.45 -4.38 0.93
O1A FAD D . -1.34 -5.34 0.56
O2A FAD D . -2.27 -3.89 2.33
O5B FAD D . -3.92 -5.02 0.86
C5B FAD D . -4.09 -6.29 0.26
C4B FAD D . -5.09 -7.06 1.04
O4B FAD D . -5.99 -7.77 0.16
C3B FAD D . -4.42 -8.08 1.87
O3B FAD D . -5.16 -8.19 3.07
C2B FAD D . -4.52 -9.33 1.09
O2B FAD D . -4.44 -10.45 1.99
C1B FAD D . -5.86 -9.19 0.44
N9A FAD D . -6.01 -9.81 -0.84
C8A FAD D . -5.16 -9.83 -1.88
N7A FAD D . -5.71 -10.48 -2.94
C5A FAD D . -6.98 -10.89 -2.58
C6A FAD D . -8.04 -11.60 -3.22
N6A FAD D . -7.92 -12.05 -4.55
N1A FAD D . -9.18 -11.82 -2.51
C2A FAD D . -9.33 -11.39 -1.25
N3A FAD D . -8.37 -10.73 -0.62
C4A FAD D . -7.18 -10.45 -1.23
N1 FAD D . 4.11 1.30 4.53
C2 FAD D . 4.38 2.37 5.25
O2 FAD D . 3.57 3.50 5.08
N3 FAD D . 5.12 2.24 6.37
C4 FAD D . 5.94 1.17 6.52
O4 FAD D . 6.75 1.06 7.65
C4X FAD D . 6.09 0.29 5.39
N5 FAD D . 7.08 -0.65 5.25
C5X FAD D . 6.85 -1.73 4.41
C6 FAD D . 7.54 -2.97 4.59
C7 FAD D . 7.06 -4.14 3.97
C7M FAD D . 7.29 -5.47 4.66
C8 FAD D . 5.96 -4.05 3.07
C8M FAD D . 5.23 -5.35 2.60
C9 FAD D . 5.16 -2.91 3.11
C9A FAD D . 5.74 -1.70 3.53
N10 FAD D . 4.95 -0.58 3.45
C10 FAD D . 4.99 0.27 4.51
C1' FAD D . 4.04 -0.30 2.31
C2' FAD D . 2.65 -0.92 2.49
O2' FAD D . 2.62 -2.14 3.18
C3' FAD D . 1.71 -0.91 1.30
O3' FAD D . 1.98 0.26 0.58
C4' FAD D . 0.24 -0.85 1.68
O4' FAD D . -0.14 -1.77 2.70
C5' FAD D . -0.57 -1.19 0.47
O5' FAD D . -1.94 -1.02 0.77
P FAD D . -2.93 -1.80 -0.18
O1P FAD D . -4.37 -1.67 0.33
O2P FAD D . -2.76 -1.34 -1.61
O3P FAD D . -2.38 -3.27 -0.20
C1 NAG E . -12.61 -14.29 -29.50
C2 NAG E . -11.31 -14.59 -30.26
C3 NAG E . -11.58 -15.42 -31.51
C4 NAG E . -12.36 -16.67 -31.14
C5 NAG E . -13.65 -16.26 -30.44
C6 NAG E . -14.51 -17.43 -30.04
C7 NAG E . -9.62 -12.87 -29.84
C8 NAG E . -8.95 -11.63 -30.35
N2 NAG E . -10.59 -13.37 -30.60
O3 NAG E . -10.34 -15.73 -32.12
O4 NAG E . -12.65 -17.45 -32.30
O5 NAG E . -13.33 -15.53 -29.25
O6 NAG E . -14.28 -17.83 -28.69
O7 NAG E . -9.30 -13.38 -28.76
CD CD F . -11.58 22.50 -9.41
CD CD G . -7.96 -21.84 -7.42
CD CD H . 9.03 -4.84 8.86
CD CD I . 15.69 13.63 20.56
CD CD J . -16.35 7.10 -31.12
CD CD K . 6.74 -17.90 -1.71
CD CD L . -14.38 11.92 -25.42
CD CD M . 2.37 -23.30 23.94
CD CD N . 22.40 -12.29 21.44
#